data_7VF1
#
_entry.id   7VF1
#
_entity_poly.entity_id   1
_entity_poly.type   'polydeoxyribonucleotide'
_entity_poly.pdbx_seq_one_letter_code
;(DG)(DG)(DG)(DG)(DC)(DC)(DG)(DG)(DG)(DG)(DC)(DC)(DG)(DG)
;
_entity_poly.pdbx_strand_id   A,B
#